data_6FGM
#
_entry.id   6FGM
#
_cell.length_a   1.000
_cell.length_b   1.000
_cell.length_c   1.000
_cell.angle_alpha   90.00
_cell.angle_beta   90.00
_cell.angle_gamma   90.00
#
_symmetry.space_group_name_H-M   'P 1'
#
_entity_poly.entity_id   1
_entity_poly.type   'polypeptide(L)'
_entity_poly.pdbx_seq_one_letter_code
;ACFLTRLGTYVC
;
_entity_poly.pdbx_strand_id   A
#
# COMPACT_ATOMS: atom_id res chain seq x y z
N ALA A 1 5.73 7.37 -4.93
CA ALA A 1 5.93 5.96 -5.21
C ALA A 1 5.34 5.09 -4.12
N CYS A 2 4.06 4.78 -4.25
CA CYS A 2 3.36 3.95 -3.26
C CYS A 2 3.18 2.53 -3.79
N PHE A 3 2.68 1.65 -2.92
CA PHE A 3 2.46 0.25 -3.29
C PHE A 3 1.30 -0.34 -2.49
N LEU A 4 0.49 -1.16 -3.16
CA LEU A 4 -0.66 -1.79 -2.52
C LEU A 4 -0.21 -2.86 -1.53
N THR A 5 -0.75 -2.80 -0.32
CA THR A 5 -0.41 -3.77 0.71
C THR A 5 -1.64 -4.51 1.21
N ARG A 6 -1.45 -5.76 1.62
CA ARG A 6 -2.56 -6.58 2.11
C ARG A 6 -3.01 -6.10 3.48
N LEU A 7 -2.27 -5.15 4.05
CA LEU A 7 -2.61 -4.61 5.36
C LEU A 7 -3.82 -3.69 5.27
N GLY A 8 -4.04 -3.11 4.09
CA GLY A 8 -5.17 -2.21 3.90
C GLY A 8 -5.25 -1.69 2.48
N THR A 9 -4.30 -0.85 2.10
CA THR A 9 -4.27 -0.27 0.76
C THR A 9 -2.88 0.28 0.43
N TYR A 10 -2.81 1.08 -0.62
CA TYR A 10 -1.55 1.67 -1.05
C TYR A 10 -0.85 2.37 0.12
N VAL A 11 0.41 2.02 0.32
CA VAL A 11 1.20 2.61 1.41
C VAL A 11 2.62 2.92 0.95
N CYS A 12 3.12 4.09 1.33
CA CYS A 12 4.46 4.51 0.96
C CYS A 12 5.22 5.03 2.17
N ALA A 1 7.03 6.65 -4.73
CA ALA A 1 5.81 6.02 -5.21
C ALA A 1 5.21 5.12 -4.12
N CYS A 2 3.91 4.85 -4.24
CA CYS A 2 3.21 4.01 -3.27
C CYS A 2 3.04 2.60 -3.80
N PHE A 3 2.57 1.70 -2.94
CA PHE A 3 2.36 0.31 -3.32
C PHE A 3 1.22 -0.31 -2.52
N LEU A 4 0.40 -1.12 -3.18
CA LEU A 4 -0.73 -1.77 -2.54
C LEU A 4 -0.26 -2.84 -1.56
N THR A 5 -0.74 -2.75 -0.32
CA THR A 5 -0.36 -3.71 0.71
C THR A 5 -1.57 -4.48 1.21
N ARG A 6 -1.36 -5.74 1.59
CA ARG A 6 -2.44 -6.59 2.09
C ARG A 6 -2.91 -6.12 3.47
N LEU A 7 -2.17 -5.17 4.04
CA LEU A 7 -2.52 -4.64 5.36
C LEU A 7 -3.76 -3.75 5.28
N GLY A 8 -3.98 -3.15 4.12
CA GLY A 8 -5.13 -2.29 3.93
C GLY A 8 -5.24 -1.76 2.51
N THR A 9 -4.32 -0.86 2.16
CA THR A 9 -4.32 -0.27 0.82
C THR A 9 -2.95 0.31 0.48
N TYR A 10 -2.88 1.05 -0.62
CA TYR A 10 -1.63 1.66 -1.06
C TYR A 10 -0.93 2.36 0.11
N VAL A 11 0.34 2.04 0.30
CA VAL A 11 1.13 2.64 1.37
C VAL A 11 2.53 2.99 0.90
N CYS A 12 3.02 4.15 1.31
CA CYS A 12 4.35 4.61 0.94
C CYS A 12 5.10 5.16 2.14
N ALA A 1 6.05 7.28 -4.75
CA ALA A 1 5.94 5.90 -5.18
C ALA A 1 5.32 5.02 -4.10
N CYS A 2 4.02 4.77 -4.23
CA CYS A 2 3.30 3.94 -3.26
C CYS A 2 3.13 2.52 -3.79
N PHE A 3 2.63 1.65 -2.93
CA PHE A 3 2.42 0.25 -3.31
C PHE A 3 1.26 -0.36 -2.52
N LEU A 4 0.44 -1.16 -3.18
CA LEU A 4 -0.70 -1.80 -2.53
C LEU A 4 -0.24 -2.86 -1.55
N THR A 5 -0.74 -2.77 -0.32
CA THR A 5 -0.38 -3.73 0.72
C THR A 5 -1.60 -4.49 1.22
N ARG A 6 -1.41 -5.74 1.60
CA ARG A 6 -2.49 -6.57 2.10
C ARG A 6 -2.97 -6.10 3.47
N LEU A 7 -2.23 -5.16 4.05
CA LEU A 7 -2.57 -4.61 5.36
C LEU A 7 -3.80 -3.71 5.27
N GLY A 8 -4.01 -3.11 4.10
CA GLY A 8 -5.15 -2.24 3.91
C GLY A 8 -5.24 -1.71 2.49
N THR A 9 -4.31 -0.82 2.12
CA THR A 9 -4.29 -0.24 0.80
C THR A 9 -2.92 0.33 0.46
N TYR A 10 -2.83 1.05 -0.64
CA TYR A 10 -1.57 1.65 -1.07
C TYR A 10 -0.87 2.36 0.09
N VAL A 11 0.40 2.01 0.29
CA VAL A 11 1.18 2.61 1.37
C VAL A 11 2.60 2.94 0.90
N CYS A 12 3.09 4.10 1.31
CA CYS A 12 4.43 4.54 0.94
C CYS A 12 5.18 5.08 2.15
N ALA A 1 6.19 5.80 -5.65
CA ALA A 1 4.78 6.03 -5.93
C ALA A 1 3.89 5.14 -5.07
N CYS A 2 4.32 4.90 -3.83
CA CYS A 2 3.58 4.05 -2.91
C CYS A 2 3.40 2.65 -3.48
N PHE A 3 2.86 1.74 -2.66
CA PHE A 3 2.65 0.36 -3.09
C PHE A 3 1.45 -0.25 -2.35
N LEU A 4 0.67 -1.04 -3.08
CA LEU A 4 -0.51 -1.67 -2.50
C LEU A 4 -0.10 -2.77 -1.51
N THR A 5 -0.65 -2.71 -0.30
CA THR A 5 -0.33 -3.69 0.73
C THR A 5 -1.59 -4.45 1.15
N ARG A 6 -1.41 -5.72 1.51
CA ARG A 6 -2.52 -6.55 1.94
C ARG A 6 -3.05 -6.11 3.29
N LEU A 7 -2.33 -5.19 3.93
CA LEU A 7 -2.73 -4.68 5.24
C LEU A 7 -3.95 -3.78 5.12
N GLY A 8 -4.10 -3.14 3.97
CA GLY A 8 -5.22 -2.25 3.75
C GLY A 8 -5.25 -1.68 2.35
N THR A 9 -4.31 -0.80 2.05
CA THR A 9 -4.23 -0.18 0.73
C THR A 9 -2.84 0.37 0.47
N TYR A 10 -2.70 1.15 -0.62
CA TYR A 10 -1.42 1.74 -0.98
C TYR A 10 -0.77 2.40 0.23
N VAL A 11 0.49 2.06 0.48
CA VAL A 11 1.23 2.62 1.60
C VAL A 11 2.66 2.95 1.20
N CYS A 12 3.15 4.10 1.66
CA CYS A 12 4.51 4.53 1.36
C CYS A 12 5.22 5.03 2.61
N ALA A 1 5.59 7.29 -4.99
CA ALA A 1 6.00 5.89 -5.14
C ALA A 1 5.37 5.01 -4.07
N CYS A 2 4.07 4.77 -4.20
CA CYS A 2 3.35 3.94 -3.24
C CYS A 2 3.16 2.52 -3.77
N PHE A 3 2.67 1.64 -2.90
CA PHE A 3 2.44 0.25 -3.29
C PHE A 3 1.28 -0.35 -2.50
N LEU A 4 0.46 -1.15 -3.17
CA LEU A 4 -0.68 -1.78 -2.54
C LEU A 4 -0.23 -2.86 -1.55
N THR A 5 -0.73 -2.77 -0.31
CA THR A 5 -0.38 -3.73 0.72
C THR A 5 -1.62 -4.48 1.21
N ARG A 6 -1.42 -5.74 1.59
CA ARG A 6 -2.51 -6.57 2.08
C ARG A 6 -2.99 -6.09 3.45
N LEU A 7 -2.25 -5.16 4.03
CA LEU A 7 -2.59 -4.61 5.35
C LEU A 7 -3.82 -3.71 5.26
N GLY A 8 -4.02 -3.10 4.09
CA GLY A 8 -5.17 -2.23 3.89
C GLY A 8 -5.24 -1.69 2.47
N THR A 9 -4.31 -0.81 2.12
CA THR A 9 -4.29 -0.23 0.79
C THR A 9 -2.90 0.34 0.47
N TYR A 10 -2.81 1.07 -0.64
CA TYR A 10 -1.55 1.66 -1.06
C TYR A 10 -0.85 2.36 0.10
N VAL A 11 0.42 2.02 0.31
CA VAL A 11 1.20 2.60 1.39
C VAL A 11 2.61 2.93 0.93
N CYS A 12 3.11 4.09 1.35
CA CYS A 12 4.46 4.52 0.97
C CYS A 12 5.21 5.06 2.20
N ALA A 1 6.67 6.91 -4.94
CA ALA A 1 5.63 6.03 -5.44
C ALA A 1 5.06 5.15 -4.34
N CYS A 2 3.74 4.99 -4.34
CA CYS A 2 3.07 4.17 -3.32
C CYS A 2 2.96 2.72 -3.80
N PHE A 3 2.55 1.85 -2.88
CA PHE A 3 2.39 0.43 -3.20
C PHE A 3 1.24 -0.18 -2.42
N LEU A 4 0.59 -1.18 -3.00
CA LEU A 4 -0.53 -1.85 -2.35
C LEU A 4 -0.03 -2.90 -1.36
N THR A 5 -0.44 -2.77 -0.11
CA THR A 5 -0.04 -3.71 0.93
C THR A 5 -1.21 -4.61 1.34
N ARG A 6 -0.88 -5.74 1.95
CA ARG A 6 -1.90 -6.69 2.39
C ARG A 6 -2.74 -6.10 3.53
N LEU A 7 -2.31 -4.95 4.04
CA LEU A 7 -3.02 -4.28 5.12
C LEU A 7 -4.35 -3.73 4.64
N GLY A 8 -4.41 -3.36 3.36
CA GLY A 8 -5.63 -2.82 2.79
C GLY A 8 -5.50 -1.36 2.42
N THR A 9 -4.28 -0.94 2.06
CA THR A 9 -4.03 0.44 1.69
C THR A 9 -2.76 0.56 0.85
N TYR A 10 -2.73 1.55 -0.04
CA TYR A 10 -1.58 1.76 -0.90
C TYR A 10 -0.45 2.45 -0.14
N VAL A 11 0.02 1.79 0.92
CA VAL A 11 1.09 2.33 1.74
C VAL A 11 2.28 2.73 0.87
N CYS A 12 3.00 3.78 1.30
CA CYS A 12 4.17 4.26 0.57
C CYS A 12 5.42 4.16 1.43
N ALA A 1 5.83 7.36 -4.99
CA ALA A 1 5.74 5.97 -5.41
C ALA A 1 5.15 5.10 -4.30
N CYS A 2 3.84 4.93 -4.32
CA CYS A 2 3.16 4.12 -3.32
C CYS A 2 3.02 2.67 -3.78
N PHE A 3 2.61 1.80 -2.88
CA PHE A 3 2.44 0.38 -3.20
C PHE A 3 1.28 -0.22 -2.41
N LEU A 4 0.62 -1.21 -2.99
CA LEU A 4 -0.51 -1.87 -2.34
C LEU A 4 -0.02 -2.92 -1.35
N THR A 5 -0.44 -2.78 -0.10
CA THR A 5 -0.06 -3.73 0.95
C THR A 5 -1.23 -4.62 1.34
N ARG A 6 -0.92 -5.75 1.96
CA ARG A 6 -1.95 -6.69 2.40
C ARG A 6 -2.80 -6.08 3.53
N LEU A 7 -2.36 -4.94 4.04
CA LEU A 7 -3.06 -4.26 5.12
C LEU A 7 -4.40 -3.70 4.62
N GLY A 8 -4.43 -3.32 3.34
CA GLY A 8 -5.65 -2.77 2.77
C GLY A 8 -5.50 -1.31 2.39
N THR A 9 -4.27 -0.90 2.05
CA THR A 9 -4.01 0.48 1.67
C THR A 9 -2.73 0.58 0.84
N TYR A 10 -2.69 1.55 -0.06
CA TYR A 10 -1.54 1.75 -0.91
C TYR A 10 -0.40 2.43 -0.15
N VAL A 11 0.06 1.77 0.92
CA VAL A 11 1.14 2.31 1.73
C VAL A 11 2.34 2.70 0.88
N CYS A 12 3.05 3.73 1.30
CA CYS A 12 4.22 4.20 0.58
C CYS A 12 5.48 4.08 1.43
N ALA A 1 4.38 6.29 -7.06
CA ALA A 1 4.99 6.00 -5.77
C ALA A 1 4.10 5.10 -4.92
N CYS A 2 4.53 4.85 -3.69
CA CYS A 2 3.77 4.00 -2.78
C CYS A 2 3.58 2.60 -3.36
N PHE A 3 3.02 1.70 -2.55
CA PHE A 3 2.78 0.33 -2.98
C PHE A 3 1.56 -0.25 -2.28
N LEU A 4 0.77 -1.03 -3.02
CA LEU A 4 -0.42 -1.65 -2.47
C LEU A 4 -0.05 -2.77 -1.50
N THR A 5 -0.63 -2.72 -0.30
CA THR A 5 -0.37 -3.73 0.71
C THR A 5 -1.64 -4.46 1.11
N ARG A 6 -1.50 -5.73 1.48
CA ARG A 6 -2.64 -6.54 1.88
C ARG A 6 -3.18 -6.10 3.24
N LEU A 7 -2.45 -5.20 3.89
CA LEU A 7 -2.85 -4.69 5.19
C LEU A 7 -4.05 -3.74 5.08
N GLY A 8 -4.18 -3.11 3.91
CA GLY A 8 -5.28 -2.20 3.68
C GLY A 8 -5.28 -1.62 2.27
N THR A 9 -4.28 -0.78 1.98
CA THR A 9 -4.18 -0.16 0.67
C THR A 9 -2.76 0.36 0.43
N TYR A 10 -2.61 1.20 -0.58
CA TYR A 10 -1.31 1.78 -0.92
C TYR A 10 -0.67 2.41 0.30
N VAL A 11 0.58 2.02 0.57
CA VAL A 11 1.31 2.56 1.72
C VAL A 11 2.76 2.85 1.35
N CYS A 12 3.26 4.00 1.80
CA CYS A 12 4.63 4.40 1.52
C CYS A 12 5.34 4.86 2.80
N ALA A 1 5.24 7.12 -5.32
CA ALA A 1 4.87 5.88 -6.01
C ALA A 1 3.99 5.00 -5.13
N CYS A 2 4.43 4.77 -3.90
CA CYS A 2 3.69 3.95 -2.96
C CYS A 2 3.50 2.54 -3.51
N PHE A 3 2.96 1.65 -2.68
CA PHE A 3 2.72 0.26 -3.08
C PHE A 3 1.52 -0.31 -2.35
N LEU A 4 0.72 -1.11 -3.06
CA LEU A 4 -0.45 -1.73 -2.48
C LEU A 4 -0.08 -2.83 -1.49
N THR A 5 -0.67 -2.78 -0.30
CA THR A 5 -0.38 -3.77 0.73
C THR A 5 -1.66 -4.49 1.16
N ARG A 6 -1.51 -5.75 1.56
CA ARG A 6 -2.64 -6.55 2.00
C ARG A 6 -3.16 -6.07 3.35
N LEU A 7 -2.43 -5.15 3.97
CA LEU A 7 -2.80 -4.62 5.27
C LEU A 7 -3.99 -3.68 5.14
N GLY A 8 -4.15 -3.08 3.97
CA GLY A 8 -5.25 -2.16 3.74
C GLY A 8 -5.27 -1.62 2.33
N THR A 9 -4.28 -0.79 2.00
CA THR A 9 -4.19 -0.19 0.67
C THR A 9 -2.78 0.33 0.41
N TYR A 10 -2.65 1.15 -0.63
CA TYR A 10 -1.36 1.72 -1.00
C TYR A 10 -0.70 2.38 0.21
N VAL A 11 0.56 2.01 0.47
CA VAL A 11 1.30 2.58 1.60
C VAL A 11 2.74 2.87 1.20
N CYS A 12 3.24 4.03 1.62
CA CYS A 12 4.61 4.43 1.32
C CYS A 12 5.32 4.92 2.58
N ALA A 1 5.05 5.66 -7.08
CA ALA A 1 4.92 6.14 -5.71
C ALA A 1 4.01 5.23 -4.88
N CYS A 2 4.42 4.96 -3.65
CA CYS A 2 3.65 4.10 -2.76
C CYS A 2 3.48 2.70 -3.37
N PHE A 3 2.94 1.78 -2.57
CA PHE A 3 2.72 0.42 -3.03
C PHE A 3 1.53 -0.21 -2.31
N LEU A 4 0.74 -0.98 -3.05
CA LEU A 4 -0.43 -1.64 -2.49
C LEU A 4 -0.02 -2.79 -1.57
N THR A 5 -0.66 -2.86 -0.40
CA THR A 5 -0.37 -3.91 0.57
C THR A 5 -1.64 -4.60 1.02
N ARG A 6 -1.49 -5.83 1.51
CA ARG A 6 -2.63 -6.60 1.99
C ARG A 6 -3.11 -6.10 3.35
N LEU A 7 -2.39 -5.12 3.89
CA LEU A 7 -2.74 -4.54 5.18
C LEU A 7 -3.96 -3.65 5.07
N GLY A 8 -4.17 -3.09 3.88
CA GLY A 8 -5.31 -2.22 3.66
C GLY A 8 -5.31 -1.61 2.27
N THR A 9 -4.30 -0.79 1.99
CA THR A 9 -4.19 -0.13 0.69
C THR A 9 -2.78 0.41 0.47
N TYR A 10 -2.62 1.21 -0.58
CA TYR A 10 -1.32 1.78 -0.91
C TYR A 10 -0.67 2.41 0.33
N VAL A 11 0.57 2.00 0.60
CA VAL A 11 1.30 2.52 1.75
C VAL A 11 2.74 2.85 1.38
N CYS A 12 3.20 4.02 1.81
CA CYS A 12 4.56 4.45 1.52
C CYS A 12 5.26 4.93 2.80
N ALA A 1 6.14 5.68 -5.86
CA ALA A 1 4.76 6.13 -5.87
C ALA A 1 3.87 5.22 -5.03
N CYS A 2 4.30 4.96 -3.80
CA CYS A 2 3.54 4.10 -2.90
C CYS A 2 3.37 2.70 -3.47
N PHE A 3 2.86 1.79 -2.67
CA PHE A 3 2.65 0.41 -3.11
C PHE A 3 1.47 -0.22 -2.36
N LEU A 4 0.69 -1.01 -3.09
CA LEU A 4 -0.48 -1.67 -2.50
C LEU A 4 -0.04 -2.80 -1.57
N THR A 5 -0.67 -2.87 -0.40
CA THR A 5 -0.35 -3.90 0.58
C THR A 5 -1.61 -4.61 1.06
N ARG A 6 -1.44 -5.83 1.56
CA ARG A 6 -2.56 -6.62 2.06
C ARG A 6 -3.04 -6.10 3.41
N LEU A 7 -2.32 -5.10 3.94
CA LEU A 7 -2.67 -4.52 5.24
C LEU A 7 -3.91 -3.63 5.12
N GLY A 8 -4.13 -3.09 3.92
CA GLY A 8 -5.29 -2.23 3.70
C GLY A 8 -5.30 -1.64 2.32
N THR A 9 -4.31 -0.82 2.01
CA THR A 9 -4.22 -0.17 0.70
C THR A 9 -2.82 0.38 0.46
N TYR A 10 -2.67 1.17 -0.60
CA TYR A 10 -1.39 1.76 -0.94
C TYR A 10 -0.73 2.39 0.28
N VAL A 11 0.52 2.02 0.53
CA VAL A 11 1.27 2.55 1.67
C VAL A 11 2.70 2.90 1.28
N CYS A 12 3.15 4.07 1.69
CA CYS A 12 4.51 4.52 1.38
C CYS A 12 5.22 5.01 2.65
N ALA A 1 5.98 5.46 -6.27
CA ALA A 1 4.78 6.16 -5.82
C ALA A 1 3.89 5.25 -4.98
N CYS A 2 4.31 4.98 -3.75
CA CYS A 2 3.56 4.12 -2.85
C CYS A 2 3.39 2.73 -3.44
N PHE A 3 2.87 1.80 -2.63
CA PHE A 3 2.67 0.43 -3.08
C PHE A 3 1.49 -0.21 -2.35
N LEU A 4 0.70 -0.99 -3.08
CA LEU A 4 -0.47 -1.65 -2.50
C LEU A 4 -0.04 -2.79 -1.58
N THR A 5 -0.66 -2.86 -0.40
CA THR A 5 -0.35 -3.90 0.57
C THR A 5 -1.61 -4.61 1.05
N ARG A 6 -1.44 -5.83 1.55
CA ARG A 6 -2.56 -6.62 2.03
C ARG A 6 -3.04 -6.11 3.39
N LEU A 7 -2.33 -5.11 3.92
CA LEU A 7 -2.68 -4.54 5.22
C LEU A 7 -3.92 -3.66 5.10
N GLY A 8 -4.15 -3.10 3.91
CA GLY A 8 -5.29 -2.25 3.70
C GLY A 8 -5.31 -1.65 2.30
N THR A 9 -4.31 -0.82 2.01
CA THR A 9 -4.21 -0.16 0.71
C THR A 9 -2.81 0.39 0.46
N TYR A 10 -2.67 1.17 -0.59
CA TYR A 10 -1.37 1.77 -0.93
C TYR A 10 -0.72 2.40 0.31
N VAL A 11 0.53 2.03 0.55
CA VAL A 11 1.27 2.55 1.70
C VAL A 11 2.71 2.89 1.31
N CYS A 12 3.15 4.07 1.73
CA CYS A 12 4.51 4.51 1.43
C CYS A 12 5.21 5.01 2.70
N ALA A 1 6.11 7.29 -4.61
CA ALA A 1 5.92 5.93 -5.10
C ALA A 1 5.25 5.04 -4.04
N CYS A 2 3.96 4.80 -4.22
CA CYS A 2 3.20 3.98 -3.28
C CYS A 2 3.04 2.56 -3.81
N PHE A 3 2.59 1.65 -2.95
CA PHE A 3 2.39 0.26 -3.33
C PHE A 3 1.25 -0.36 -2.53
N LEU A 4 0.43 -1.16 -3.20
CA LEU A 4 -0.71 -1.81 -2.56
C LEU A 4 -0.22 -2.92 -1.61
N THR A 5 -0.79 -2.95 -0.41
CA THR A 5 -0.41 -3.96 0.58
C THR A 5 -1.65 -4.66 1.13
N ARG A 6 -1.46 -5.86 1.66
CA ARG A 6 -2.55 -6.63 2.23
C ARG A 6 -2.95 -6.09 3.60
N LEU A 7 -2.21 -5.08 4.06
CA LEU A 7 -2.49 -4.47 5.36
C LEU A 7 -3.70 -3.55 5.28
N GLY A 8 -3.96 -3.03 4.08
CA GLY A 8 -5.10 -2.14 3.89
C GLY A 8 -5.19 -1.62 2.47
N THR A 9 -4.23 -0.77 2.09
CA THR A 9 -4.22 -0.20 0.75
C THR A 9 -2.84 0.37 0.41
N TYR A 10 -2.77 1.11 -0.69
CA TYR A 10 -1.51 1.70 -1.12
C TYR A 10 -0.81 2.40 0.05
N VAL A 11 0.40 1.93 0.35
CA VAL A 11 1.19 2.51 1.44
C VAL A 11 2.59 2.88 0.98
N CYS A 12 3.02 4.08 1.32
CA CYS A 12 4.35 4.56 0.94
C CYS A 12 5.10 5.13 2.15
N ALA A 1 5.92 7.02 -6.35
CA ALA A 1 4.63 6.43 -6.04
C ALA A 1 4.72 5.54 -4.81
N CYS A 2 3.59 4.95 -4.42
CA CYS A 2 3.54 4.08 -3.26
C CYS A 2 3.35 2.63 -3.67
N PHE A 3 3.20 1.74 -2.69
CA PHE A 3 3.01 0.32 -2.96
C PHE A 3 1.76 -0.20 -2.25
N LEU A 4 1.07 -1.14 -2.89
CA LEU A 4 -0.14 -1.72 -2.33
C LEU A 4 0.21 -2.82 -1.32
N THR A 5 -0.59 -2.91 -0.27
CA THR A 5 -0.39 -3.92 0.77
C THR A 5 -1.69 -4.60 1.15
N ARG A 6 -1.58 -5.85 1.59
CA ARG A 6 -2.76 -6.62 1.99
C ARG A 6 -3.27 -6.17 3.36
N LEU A 7 -2.56 -5.22 3.97
CA LEU A 7 -2.94 -4.69 5.26
C LEU A 7 -4.11 -3.72 5.14
N GLY A 8 -4.19 -3.05 3.99
CA GLY A 8 -5.26 -2.10 3.76
C GLY A 8 -5.26 -1.55 2.34
N THR A 9 -4.22 -0.79 2.00
CA THR A 9 -4.11 -0.21 0.67
C THR A 9 -2.73 0.38 0.45
N TYR A 10 -2.60 1.20 -0.58
CA TYR A 10 -1.32 1.83 -0.91
C TYR A 10 -0.75 2.56 0.30
N VAL A 11 0.37 2.07 0.80
CA VAL A 11 1.02 2.69 1.96
C VAL A 11 2.52 2.79 1.75
N CYS A 12 2.98 3.98 1.38
CA CYS A 12 4.41 4.21 1.14
C CYS A 12 5.24 3.73 2.32
N ALA A 1 6.27 7.03 -4.33
CA ALA A 1 6.02 5.70 -4.87
C ALA A 1 5.26 4.85 -3.86
N CYS A 2 3.96 4.68 -4.10
CA CYS A 2 3.12 3.88 -3.22
C CYS A 2 2.94 2.46 -3.77
N PHE A 3 2.45 1.57 -2.92
CA PHE A 3 2.23 0.18 -3.33
C PHE A 3 1.09 -0.44 -2.53
N LEU A 4 0.21 -1.16 -3.23
CA LEU A 4 -0.92 -1.81 -2.59
C LEU A 4 -0.47 -2.96 -1.69
N THR A 5 -0.67 -2.79 -0.39
CA THR A 5 -0.28 -3.81 0.59
C THR A 5 -1.50 -4.61 1.05
N ARG A 6 -1.23 -5.77 1.64
CA ARG A 6 -2.30 -6.63 2.15
C ARG A 6 -2.75 -6.19 3.53
N LEU A 7 -2.19 -5.08 4.01
CA LEU A 7 -2.53 -4.56 5.33
C LEU A 7 -3.76 -3.65 5.24
N GLY A 8 -3.94 -3.00 4.10
CA GLY A 8 -5.07 -2.11 3.91
C GLY A 8 -5.17 -1.60 2.49
N THR A 9 -4.23 -0.77 2.09
CA THR A 9 -4.22 -0.20 0.75
C THR A 9 -2.84 0.39 0.42
N TYR A 10 -2.78 1.13 -0.69
CA TYR A 10 -1.53 1.75 -1.12
C TYR A 10 -0.82 2.42 0.04
N VAL A 11 0.43 2.05 0.27
CA VAL A 11 1.21 2.62 1.36
C VAL A 11 2.61 3.01 0.88
N CYS A 12 3.05 4.21 1.27
CA CYS A 12 4.36 4.70 0.87
C CYS A 12 5.07 5.37 2.05
N ALA A 1 7.01 6.51 -4.25
CA ALA A 1 5.92 5.79 -4.89
C ALA A 1 5.17 4.92 -3.89
N CYS A 2 3.88 4.74 -4.11
CA CYS A 2 3.05 3.93 -3.23
C CYS A 2 2.88 2.52 -3.79
N PHE A 3 2.39 1.61 -2.93
CA PHE A 3 2.19 0.22 -3.34
C PHE A 3 1.05 -0.40 -2.54
N LEU A 4 0.18 -1.14 -3.23
CA LEU A 4 -0.95 -1.79 -2.59
C LEU A 4 -0.47 -2.93 -1.70
N THR A 5 -0.67 -2.77 -0.39
CA THR A 5 -0.28 -3.79 0.57
C THR A 5 -1.47 -4.60 1.05
N ARG A 6 -1.20 -5.76 1.64
CA ARG A 6 -2.25 -6.63 2.13
C ARG A 6 -2.70 -6.20 3.53
N LEU A 7 -2.14 -5.10 4.01
CA LEU A 7 -2.49 -4.57 5.32
C LEU A 7 -3.73 -3.68 5.25
N GLY A 8 -3.92 -3.03 4.10
CA GLY A 8 -5.06 -2.16 3.92
C GLY A 8 -5.18 -1.64 2.51
N THR A 9 -4.23 -0.80 2.10
CA THR A 9 -4.23 -0.22 0.77
C THR A 9 -2.87 0.38 0.43
N TYR A 10 -2.82 1.12 -0.68
CA TYR A 10 -1.58 1.75 -1.11
C TYR A 10 -0.87 2.44 0.05
N VAL A 11 0.39 2.07 0.27
CA VAL A 11 1.17 2.64 1.35
C VAL A 11 2.56 3.04 0.87
N CYS A 12 3.00 4.24 1.26
CA CYS A 12 4.31 4.75 0.86
C CYS A 12 5.01 5.43 2.03
N ALA A 1 6.23 7.04 -4.36
CA ALA A 1 6.03 5.70 -4.87
C ALA A 1 5.27 4.84 -3.86
N CYS A 2 3.97 4.67 -4.10
CA CYS A 2 3.13 3.87 -3.21
C CYS A 2 2.94 2.46 -3.77
N PHE A 3 2.45 1.57 -2.92
CA PHE A 3 2.23 0.18 -3.32
C PHE A 3 1.09 -0.44 -2.53
N LEU A 4 0.21 -1.16 -3.23
CA LEU A 4 -0.92 -1.81 -2.59
C LEU A 4 -0.47 -2.95 -1.69
N THR A 5 -0.67 -2.79 -0.39
CA THR A 5 -0.28 -3.80 0.58
C THR A 5 -1.50 -4.61 1.05
N ARG A 6 -1.24 -5.76 1.64
CA ARG A 6 -2.31 -6.63 2.14
C ARG A 6 -2.76 -6.18 3.54
N LEU A 7 -2.19 -5.08 4.01
CA LEU A 7 -2.54 -4.55 5.33
C LEU A 7 -3.76 -3.65 5.24
N GLY A 8 -3.94 -3.00 4.10
CA GLY A 8 -5.07 -2.11 3.91
C GLY A 8 -5.18 -1.59 2.49
N THR A 9 -4.22 -0.76 2.10
CA THR A 9 -4.21 -0.19 0.75
C THR A 9 -2.84 0.39 0.42
N TYR A 10 -2.78 1.13 -0.69
CA TYR A 10 -1.53 1.75 -1.12
C TYR A 10 -0.81 2.43 0.04
N VAL A 11 0.43 2.04 0.27
CA VAL A 11 1.22 2.62 1.36
C VAL A 11 2.61 3.01 0.88
N CYS A 12 3.06 4.20 1.27
CA CYS A 12 4.37 4.69 0.88
C CYS A 12 5.07 5.37 2.05
N ALA A 1 6.37 6.99 -4.30
CA ALA A 1 6.01 5.71 -4.88
C ALA A 1 5.25 4.85 -3.88
N CYS A 2 3.95 4.69 -4.11
CA CYS A 2 3.11 3.89 -3.22
C CYS A 2 2.94 2.47 -3.77
N PHE A 3 2.44 1.57 -2.92
CA PHE A 3 2.22 0.19 -3.33
C PHE A 3 1.08 -0.44 -2.54
N LEU A 4 0.21 -1.15 -3.23
CA LEU A 4 -0.94 -1.81 -2.59
C LEU A 4 -0.48 -2.95 -1.69
N THR A 5 -0.67 -2.79 -0.39
CA THR A 5 -0.28 -3.80 0.58
C THR A 5 -1.49 -4.60 1.05
N ARG A 6 -1.22 -5.76 1.65
CA ARG A 6 -2.30 -6.63 2.15
C ARG A 6 -2.75 -6.19 3.53
N LEU A 7 -2.18 -5.08 4.01
CA LEU A 7 -2.53 -4.56 5.33
C LEU A 7 -3.76 -3.65 5.24
N GLY A 8 -3.93 -3.01 4.10
CA GLY A 8 -5.08 -2.13 3.91
C GLY A 8 -5.18 -1.61 2.48
N THR A 9 -4.23 -0.77 2.09
CA THR A 9 -4.22 -0.20 0.75
C THR A 9 -2.85 0.38 0.41
N TYR A 10 -2.78 1.13 -0.69
CA TYR A 10 -1.54 1.74 -1.13
C TYR A 10 -0.83 2.43 0.05
N VAL A 11 0.43 2.05 0.27
CA VAL A 11 1.21 2.62 1.36
C VAL A 11 2.61 3.01 0.88
N CYS A 12 3.04 4.20 1.25
CA CYS A 12 4.36 4.70 0.87
C CYS A 12 5.06 5.37 2.05
N ALA A 1 6.38 5.21 -5.59
CA ALA A 1 5.13 5.96 -5.47
C ALA A 1 4.05 5.12 -4.79
N CYS A 2 4.27 4.79 -3.52
CA CYS A 2 3.32 3.98 -2.76
C CYS A 2 3.16 2.60 -3.38
N PHE A 3 2.61 1.67 -2.61
CA PHE A 3 2.40 0.30 -3.09
C PHE A 3 1.22 -0.34 -2.37
N LEU A 4 0.36 -1.01 -3.14
CA LEU A 4 -0.81 -1.68 -2.57
C LEU A 4 -0.39 -2.85 -1.68
N THR A 5 -0.59 -2.69 -0.38
CA THR A 5 -0.23 -3.74 0.57
C THR A 5 -1.46 -4.56 0.97
N ARG A 6 -1.22 -5.74 1.55
CA ARG A 6 -2.31 -6.61 1.97
C ARG A 6 -2.81 -6.21 3.36
N LEU A 7 -2.26 -5.12 3.89
CA LEU A 7 -2.66 -4.64 5.20
C LEU A 7 -3.88 -3.73 5.10
N GLY A 8 -4.03 -3.06 3.96
CA GLY A 8 -5.15 -2.18 3.75
C GLY A 8 -5.20 -1.61 2.34
N THR A 9 -4.23 -0.77 2.01
CA THR A 9 -4.16 -0.17 0.68
C THR A 9 -2.78 0.43 0.42
N TYR A 10 -2.67 1.19 -0.66
CA TYR A 10 -1.41 1.81 -1.03
C TYR A 10 -0.74 2.47 0.18
N VAL A 11 0.51 2.11 0.43
CA VAL A 11 1.26 2.66 1.55
C VAL A 11 2.68 3.04 1.14
N CYS A 12 3.12 4.22 1.59
CA CYS A 12 4.45 4.70 1.25
C CYS A 12 5.11 5.33 2.48
N ALA A 1 5.29 6.18 -6.49
CA ALA A 1 5.49 5.84 -5.08
C ALA A 1 4.31 5.05 -4.54
N CYS A 2 4.39 4.67 -3.27
CA CYS A 2 3.32 3.92 -2.62
C CYS A 2 3.16 2.55 -3.27
N PHE A 3 2.62 1.60 -2.51
CA PHE A 3 2.42 0.25 -3.03
C PHE A 3 1.23 -0.42 -2.33
N LEU A 4 0.36 -1.03 -3.11
CA LEU A 4 -0.82 -1.70 -2.57
C LEU A 4 -0.41 -2.88 -1.69
N THR A 5 -0.62 -2.75 -0.38
CA THR A 5 -0.28 -3.80 0.57
C THR A 5 -1.52 -4.59 0.98
N ARG A 6 -1.30 -5.77 1.55
CA ARG A 6 -2.40 -6.62 1.99
C ARG A 6 -2.90 -6.20 3.36
N LEU A 7 -2.33 -5.12 3.89
CA LEU A 7 -2.72 -4.62 5.20
C LEU A 7 -3.92 -3.69 5.08
N GLY A 8 -4.06 -3.04 3.94
CA GLY A 8 -5.17 -2.13 3.72
C GLY A 8 -5.19 -1.57 2.30
N THR A 9 -4.20 -0.74 1.99
CA THR A 9 -4.13 -0.13 0.66
C THR A 9 -2.73 0.43 0.40
N TYR A 10 -2.61 1.19 -0.68
CA TYR A 10 -1.32 1.78 -1.05
C TYR A 10 -0.66 2.42 0.17
N VAL A 11 0.61 2.07 0.38
CA VAL A 11 1.37 2.61 1.51
C VAL A 11 2.78 3.00 1.09
N CYS A 12 3.22 4.17 1.55
CA CYS A 12 4.56 4.66 1.22
C CYS A 12 5.21 5.31 2.43
#